data_6Y08
#
_entry.id   6Y08
#
_cell.length_a   160.545
_cell.length_b   88.057
_cell.length_c   68.262
_cell.angle_alpha   90.000
_cell.angle_beta   96.150
_cell.angle_gamma   90.000
#
_symmetry.space_group_name_H-M   'C 1 2 1'
#
loop_
_entity.id
_entity.type
_entity.pdbx_description
1 polymer 'Thymidylate synthase'
2 non-polymer "2'-DEOXYURIDINE 5'-MONOPHOSPHATE"
3 non-polymer Sulfamethoxazole
4 water water
#
_entity_poly.entity_id   1
_entity_poly.type   'polypeptide(L)'
_entity_poly.pdbx_seq_one_letter_code
;MLVVGSELQSDAQQLSAEAPRHGELQYLRQVEHILRCGFKKEDRTGTGTLSVFGMQARYSLRDEFPLLTTKRVFWKGVLE
ELLWFIKGSTNAKELSSKGVRIWDANGSRDFLDSLGFSARQEGDLGPVYGFQWRHFGAEYKDMDSDYSGQGVDQLQKVID
TIKTNPDDRRIIMCAWNPKDLPLMALPPCHALCQFYVVNGELSCQLYQRSGDMGLGVPFNIASYALLTYMIAHITGLQPG
DFVHTLGDAHIYLNHIEPLKIQLQREPRPFPKLKILRKVETIDDFKVEDFQIEGYNPHPTIKMEMAV
;
_entity_poly.pdbx_strand_id   A,B
#
loop_
_chem_comp.id
_chem_comp.type
_chem_comp.name
_chem_comp.formula
08D non-polymer Sulfamethoxazole 'C10 H11 N3 O3 S'
UMP non-polymer '2'-DEOXYURIDINE 5'-MONOPHOSPHATE' 'C9 H13 N2 O8 P'
#
# COMPACT_ATOMS: atom_id res chain seq x y z
N HIS A 22 2.57 -6.18 -25.66
CA HIS A 22 2.41 -4.75 -25.35
C HIS A 22 1.85 -4.56 -23.94
N GLY A 23 2.46 -3.65 -23.17
CA GLY A 23 2.08 -3.45 -21.79
C GLY A 23 0.76 -2.73 -21.61
N GLU A 24 0.36 -1.92 -22.61
CA GLU A 24 -0.96 -1.30 -22.52
C GLU A 24 -2.07 -2.34 -22.53
N LEU A 25 -1.83 -3.54 -23.06
CA LEU A 25 -2.88 -4.55 -23.06
C LEU A 25 -3.35 -4.88 -21.65
N GLN A 26 -2.43 -4.88 -20.68
CA GLN A 26 -2.82 -5.08 -19.29
C GLN A 26 -3.87 -4.06 -18.85
N TYR A 27 -3.63 -2.78 -19.13
CA TYR A 27 -4.63 -1.78 -18.78
C TYR A 27 -5.95 -2.08 -19.45
N LEU A 28 -5.90 -2.45 -20.74
CA LEU A 28 -7.12 -2.71 -21.47
C LEU A 28 -7.87 -3.93 -20.92
N ARG A 29 -7.16 -4.97 -20.54
CA ARG A 29 -7.80 -6.13 -19.96
C ARG A 29 -8.43 -5.78 -18.64
N GLN A 30 -7.83 -4.88 -17.88
CA GLN A 30 -8.41 -4.44 -16.61
C GLN A 30 -9.69 -3.66 -16.83
N VAL A 31 -9.70 -2.74 -17.82
CA VAL A 31 -10.93 -2.05 -18.18
C VAL A 31 -12.00 -3.07 -18.57
N GLU A 32 -11.65 -4.01 -19.42
CA GLU A 32 -12.62 -4.98 -19.83
C GLU A 32 -13.12 -5.81 -18.67
N HIS A 33 -12.23 -6.22 -17.80
CA HIS A 33 -12.65 -7.00 -16.65
C HIS A 33 -13.67 -6.25 -15.81
N ILE A 34 -13.52 -4.93 -15.66
CA ILE A 34 -14.45 -4.16 -14.85
C ILE A 34 -15.81 -4.08 -15.54
N LEU A 35 -15.82 -3.93 -16.87
CA LEU A 35 -17.11 -3.85 -17.57
C LEU A 35 -17.85 -5.18 -17.56
N ARG A 36 -17.14 -6.30 -17.48
CA ARG A 36 -17.78 -7.61 -17.51
C ARG A 36 -18.03 -8.23 -16.15
N CYS A 37 -17.25 -7.89 -15.12
CA CYS A 37 -17.41 -8.52 -13.82
C CYS A 37 -17.53 -7.53 -12.68
N GLY A 38 -17.38 -6.24 -12.91
CA GLY A 38 -17.47 -5.31 -11.83
C GLY A 38 -18.89 -5.21 -11.30
N PHE A 39 -19.00 -4.72 -10.08
CA PHE A 39 -20.31 -4.57 -9.43
C PHE A 39 -20.73 -3.10 -9.39
N LYS A 40 -21.98 -2.83 -9.72
CA LYS A 40 -22.50 -1.48 -9.73
C LYS A 40 -22.60 -0.90 -8.32
N LYS A 41 -21.52 -0.27 -7.87
CA LYS A 41 -21.50 0.33 -6.54
C LYS A 41 -21.53 1.84 -6.61
N GLU A 42 -22.15 2.46 -5.61
CA GLU A 42 -22.25 3.92 -5.56
C GLU A 42 -20.99 4.53 -4.96
N ASP A 43 -20.91 5.86 -4.99
CA ASP A 43 -19.77 6.55 -4.46
C ASP A 43 -20.24 7.84 -3.83
N ARG A 44 -19.26 8.67 -3.45
CA ARG A 44 -19.57 9.84 -2.66
C ARG A 44 -20.30 10.90 -3.49
N THR A 45 -19.99 10.99 -4.78
CA THR A 45 -20.74 11.90 -5.66
C THR A 45 -22.07 11.33 -6.13
N GLY A 46 -22.46 10.14 -5.67
CA GLY A 46 -23.72 9.55 -6.08
C GLY A 46 -23.83 9.13 -7.55
N THR A 47 -22.77 9.38 -8.33
CA THR A 47 -22.83 9.18 -9.78
C THR A 47 -22.98 7.71 -10.15
N GLY A 48 -22.32 6.81 -9.42
CA GLY A 48 -22.44 5.41 -9.78
C GLY A 48 -21.31 4.87 -10.65
N THR A 49 -20.81 3.71 -10.28
CA THR A 49 -19.64 3.13 -10.91
C THR A 49 -19.85 1.64 -11.12
N LEU A 50 -19.03 1.09 -12.00
CA LEU A 50 -18.72 -0.33 -11.99
C LEU A 50 -17.35 -0.48 -11.33
N SER A 51 -17.24 -1.40 -10.39
CA SER A 51 -16.11 -1.42 -9.49
C SER A 51 -15.61 -2.84 -9.26
N VAL A 52 -14.29 -2.96 -9.24
CA VAL A 52 -13.56 -4.16 -8.85
C VAL A 52 -12.60 -3.73 -7.76
N PHE A 53 -12.51 -4.52 -6.70
CA PHE A 53 -11.59 -4.21 -5.60
C PHE A 53 -10.39 -5.15 -5.74
N GLY A 54 -9.20 -4.56 -5.96
CA GLY A 54 -7.96 -5.34 -6.08
C GLY A 54 -7.56 -5.69 -7.50
N MET A 55 -6.57 -4.97 -8.06
CA MET A 55 -6.00 -5.30 -9.36
C MET A 55 -4.50 -4.96 -9.34
N GLN A 56 -3.76 -5.49 -10.33
CA GLN A 56 -2.32 -5.30 -10.40
C GLN A 56 -1.88 -5.39 -11.85
N ALA A 57 -0.96 -4.51 -12.27
CA ALA A 57 -0.39 -4.56 -13.61
C ALA A 57 1.08 -4.22 -13.50
N ARG A 58 1.87 -4.71 -14.46
CA ARG A 58 3.31 -4.49 -14.47
C ARG A 58 3.67 -3.83 -15.79
N TYR A 59 4.09 -2.57 -15.74
CA TYR A 59 4.49 -1.82 -16.92
C TYR A 59 6.01 -1.78 -16.99
N SER A 60 6.58 -2.45 -17.98
CA SER A 60 8.02 -2.42 -18.15
C SER A 60 8.42 -0.99 -18.47
N LEU A 61 9.59 -0.57 -17.96
CA LEU A 61 10.15 0.75 -18.20
C LEU A 61 11.47 0.68 -18.99
N ARG A 62 11.84 -0.50 -19.50
CA ARG A 62 13.12 -0.71 -20.15
C ARG A 62 13.04 -0.24 -21.60
N ASP A 63 13.66 0.91 -21.89
CA ASP A 63 13.73 1.50 -23.22
C ASP A 63 12.37 1.86 -23.80
N GLU A 64 11.37 2.06 -22.93
CA GLU A 64 10.09 2.63 -23.34
C GLU A 64 9.43 3.26 -22.12
N PHE A 65 8.55 4.21 -22.37
CA PHE A 65 7.84 4.87 -21.29
C PHE A 65 6.34 4.60 -21.43
N PRO A 66 5.66 4.14 -20.35
CA PRO A 66 4.24 3.72 -20.41
C PRO A 66 3.27 4.88 -20.44
N LEU A 67 3.32 5.69 -21.50
CA LEU A 67 2.35 6.77 -21.67
C LEU A 67 1.27 6.24 -22.61
N LEU A 68 0.10 5.95 -22.06
CA LEU A 68 -0.94 5.21 -22.79
C LEU A 68 -1.24 5.85 -24.14
N THR A 69 -1.54 5.00 -25.13
CA THR A 69 -1.78 5.42 -26.50
C THR A 69 -3.22 5.28 -26.96
N THR A 70 -4.04 4.46 -26.29
CA THR A 70 -5.42 4.36 -26.75
C THR A 70 -6.23 5.60 -26.37
N LYS A 71 -5.63 6.52 -25.61
CA LYS A 71 -6.21 7.82 -25.35
C LYS A 71 -5.09 8.72 -24.88
N ARG A 72 -5.08 9.97 -25.38
CA ARG A 72 -4.04 10.93 -25.02
C ARG A 72 -4.01 11.19 -23.51
N VAL A 73 -2.80 11.28 -22.96
CA VAL A 73 -2.56 11.62 -21.55
C VAL A 73 -1.94 13.01 -21.46
N PHE A 74 -2.40 13.81 -20.50
CA PHE A 74 -1.95 15.20 -20.35
C PHE A 74 -0.51 15.22 -19.82
N TRP A 75 0.45 14.97 -20.71
CA TRP A 75 1.82 14.76 -20.26
C TRP A 75 2.39 15.99 -19.58
N LYS A 76 2.08 17.17 -20.10
CA LYS A 76 2.47 18.41 -19.43
C LYS A 76 1.99 18.42 -17.98
N GLY A 77 0.71 18.09 -17.77
CA GLY A 77 0.20 17.97 -16.40
C GLY A 77 0.99 16.99 -15.55
N VAL A 78 1.38 15.86 -16.12
CA VAL A 78 2.14 14.87 -15.36
C VAL A 78 3.46 15.45 -14.89
N LEU A 79 4.23 16.02 -15.84
CA LEU A 79 5.57 16.50 -15.52
C LEU A 79 5.51 17.62 -14.51
N GLU A 80 4.66 18.61 -14.74
CA GLU A 80 4.60 19.77 -13.84
C GLU A 80 4.12 19.37 -12.45
N GLU A 81 3.07 18.53 -12.36
CA GLU A 81 2.59 18.11 -11.05
C GLU A 81 3.70 17.42 -10.26
N LEU A 82 4.43 16.51 -10.90
CA LEU A 82 5.49 15.83 -10.18
C LEU A 82 6.54 16.82 -9.70
N LEU A 83 6.87 17.84 -10.53
CA LEU A 83 7.89 18.81 -10.13
C LEU A 83 7.40 19.65 -8.97
N TRP A 84 6.13 20.03 -9.04
CA TRP A 84 5.43 20.66 -7.93
C TRP A 84 5.50 19.79 -6.67
N PHE A 85 5.13 18.50 -6.77
CA PHE A 85 5.24 17.60 -5.62
C PHE A 85 6.62 17.64 -5.01
N ILE A 86 7.65 17.59 -5.86
CA ILE A 86 9.03 17.41 -5.42
C ILE A 86 9.55 18.63 -4.66
N LYS A 87 9.17 19.81 -5.09
CA LYS A 87 9.63 20.99 -4.39
C LYS A 87 8.79 21.31 -3.16
N GLY A 88 7.92 20.40 -2.72
CA GLY A 88 7.21 20.50 -1.46
C GLY A 88 5.97 21.37 -1.44
N SER A 89 5.57 21.92 -2.57
CA SER A 89 4.52 22.91 -2.58
C SER A 89 3.17 22.29 -2.24
N THR A 90 2.34 23.05 -1.53
CA THR A 90 0.94 22.73 -1.31
C THR A 90 0.02 23.87 -1.73
N ASN A 91 0.50 24.72 -2.62
CA ASN A 91 -0.25 25.87 -3.13
C ASN A 91 -0.72 25.52 -4.53
N ALA A 92 -2.02 25.42 -4.73
CA ALA A 92 -2.53 25.09 -6.06
C ALA A 92 -2.12 26.15 -7.08
N LYS A 93 -1.96 27.41 -6.67
CA LYS A 93 -1.62 28.47 -7.61
C LYS A 93 -0.22 28.28 -8.18
N GLU A 94 0.71 27.71 -7.39
CA GLU A 94 2.06 27.50 -7.91
C GLU A 94 2.10 26.49 -9.06
N LEU A 95 1.15 25.56 -9.11
CA LEU A 95 0.99 24.64 -10.23
C LEU A 95 0.15 25.26 -11.34
N SER A 96 -0.95 25.93 -10.97
CA SER A 96 -1.74 26.65 -11.96
C SER A 96 -0.87 27.57 -12.80
N SER A 97 0.05 28.29 -12.16
CA SER A 97 0.89 29.26 -12.88
C SER A 97 1.81 28.60 -13.90
N LYS A 98 1.89 27.27 -13.94
CA LYS A 98 2.63 26.57 -14.98
C LYS A 98 1.70 26.08 -16.10
N GLY A 99 0.41 26.36 -16.01
CA GLY A 99 -0.52 25.93 -17.02
C GLY A 99 -1.21 24.62 -16.73
N VAL A 100 -1.13 24.14 -15.50
CA VAL A 100 -1.73 22.87 -15.07
C VAL A 100 -2.75 23.20 -14.00
N ARG A 101 -4.03 23.02 -14.32
CA ARG A 101 -5.12 23.49 -13.47
C ARG A 101 -5.82 22.36 -12.71
N ILE A 102 -5.20 21.18 -12.65
CA ILE A 102 -5.80 19.99 -12.08
C ILE A 102 -6.25 20.22 -10.64
N TRP A 103 -5.45 20.93 -9.84
CA TRP A 103 -5.76 21.07 -8.42
C TRP A 103 -6.49 22.35 -8.08
N ASP A 104 -6.80 23.21 -9.07
CA ASP A 104 -7.30 24.56 -8.79
C ASP A 104 -8.62 24.52 -8.03
N ALA A 105 -9.57 23.71 -8.51
CA ALA A 105 -10.87 23.61 -7.86
C ALA A 105 -10.78 23.25 -6.38
N ASN A 106 -9.79 22.44 -5.98
CA ASN A 106 -9.74 22.04 -4.58
C ASN A 106 -9.09 23.08 -3.68
N GLY A 107 -8.52 24.14 -4.25
CA GLY A 107 -8.00 25.25 -3.49
C GLY A 107 -8.80 26.52 -3.68
N SER A 108 -9.96 26.44 -4.31
CA SER A 108 -10.82 27.59 -4.54
C SER A 108 -11.29 28.17 -3.21
N ARG A 109 -11.87 29.37 -3.28
CA ARG A 109 -12.37 30.05 -2.08
C ARG A 109 -13.57 29.34 -1.47
N ASP A 110 -14.53 28.97 -2.32
CA ASP A 110 -15.74 28.29 -1.87
C ASP A 110 -15.44 26.89 -1.35
N PHE A 111 -14.64 26.14 -2.08
CA PHE A 111 -14.28 24.78 -1.68
C PHE A 111 -13.60 24.75 -0.32
N LEU A 112 -12.69 25.70 -0.09
CA LEU A 112 -11.97 25.78 1.17
C LEU A 112 -12.88 26.19 2.32
N ASP A 113 -13.89 26.99 2.02
CA ASP A 113 -14.83 27.45 3.03
C ASP A 113 -15.81 26.34 3.42
N SER A 114 -16.05 25.41 2.51
CA SER A 114 -16.97 24.31 2.76
C SER A 114 -16.35 23.27 3.70
N LEU A 115 -15.02 23.18 3.68
CA LEU A 115 -14.31 22.23 4.52
C LEU A 115 -14.03 22.82 5.91
N GLY A 116 -14.17 24.13 6.03
CA GLY A 116 -13.94 24.81 7.29
C GLY A 116 -12.62 25.57 7.31
N PHE A 117 -12.11 25.89 6.12
CA PHE A 117 -10.85 26.63 6.01
C PHE A 117 -11.09 28.02 5.45
N SER A 118 -11.74 28.88 6.24
CA SER A 118 -12.02 30.24 5.81
C SER A 118 -10.85 31.17 6.10
N ALA A 119 -9.93 30.71 6.95
CA ALA A 119 -8.76 31.50 7.31
C ALA A 119 -7.56 31.17 6.41
N ARG A 120 -7.79 30.27 5.45
CA ARG A 120 -6.74 29.86 4.53
C ARG A 120 -6.85 30.62 3.21
N GLN A 121 -5.70 31.01 2.66
CA GLN A 121 -5.67 31.73 1.40
C GLN A 121 -6.09 30.81 0.27
N GLU A 122 -6.64 31.42 -0.78
CA GLU A 122 -6.97 30.68 -1.99
C GLU A 122 -5.75 29.92 -2.49
N GLY A 123 -5.94 28.62 -2.75
CA GLY A 123 -4.89 27.77 -3.22
C GLY A 123 -4.23 26.90 -2.16
N ASP A 124 -4.55 27.11 -0.89
CA ASP A 124 -3.90 26.35 0.19
C ASP A 124 -4.58 24.99 0.30
N LEU A 125 -3.94 23.97 -0.26
CA LEU A 125 -4.52 22.62 -0.28
C LEU A 125 -4.35 21.88 1.03
N GLY A 126 -3.48 22.36 1.93
CA GLY A 126 -3.22 21.67 3.17
C GLY A 126 -2.05 20.72 3.03
N PRO A 127 -1.83 19.86 4.03
CA PRO A 127 -0.65 18.96 3.99
C PRO A 127 -0.79 17.80 3.01
N VAL A 128 -0.91 18.11 1.71
CA VAL A 128 -1.04 17.08 0.69
C VAL A 128 0.33 16.58 0.29
N TYR A 129 0.44 16.01 -0.92
CA TYR A 129 1.57 15.13 -1.24
C TYR A 129 2.91 15.81 -1.03
N GLY A 130 3.04 17.05 -1.51
CA GLY A 130 4.32 17.75 -1.40
C GLY A 130 4.79 17.87 0.03
N PHE A 131 3.85 18.13 0.95
CA PHE A 131 4.20 18.23 2.35
C PHE A 131 4.57 16.86 2.94
N GLN A 132 3.80 15.82 2.62
CA GLN A 132 4.05 14.49 3.20
C GLN A 132 5.36 13.90 2.69
N TRP A 133 5.64 14.05 1.39
CA TRP A 133 6.87 13.48 0.84
C TRP A 133 8.11 14.12 1.45
N ARG A 134 8.06 15.42 1.76
CA ARG A 134 9.23 16.17 2.18
C ARG A 134 9.30 16.48 3.67
N HIS A 135 8.17 16.52 4.37
CA HIS A 135 8.11 16.98 5.76
C HIS A 135 7.13 16.13 6.57
N PHE A 136 7.15 14.81 6.39
CA PHE A 136 6.17 13.97 7.07
C PHE A 136 6.32 14.07 8.59
N GLY A 137 5.23 14.46 9.26
CA GLY A 137 5.18 14.53 10.70
C GLY A 137 5.28 15.92 11.27
N ALA A 138 5.76 16.89 10.50
CA ALA A 138 5.84 18.26 10.98
C ALA A 138 4.44 18.86 11.08
N GLU A 139 4.33 19.92 11.88
CA GLU A 139 3.05 20.58 12.12
C GLU A 139 2.73 21.54 10.99
N TYR A 140 1.66 21.26 10.27
CA TYR A 140 1.25 22.14 9.19
C TYR A 140 0.64 23.41 9.76
N LYS A 141 1.13 24.57 9.29
CA LYS A 141 0.48 25.85 9.52
C LYS A 141 -0.27 26.29 8.26
N ASP A 142 0.45 26.83 7.27
CA ASP A 142 -0.16 27.15 5.99
C ASP A 142 0.82 26.82 4.87
N MET A 143 0.40 27.14 3.63
CA MET A 143 1.20 26.78 2.46
C MET A 143 2.43 27.66 2.34
N ASP A 144 2.37 28.88 2.83
CA ASP A 144 3.49 29.81 2.74
C ASP A 144 4.48 29.65 3.88
N SER A 145 4.20 28.80 4.86
CA SER A 145 5.12 28.61 5.96
C SER A 145 6.46 28.05 5.47
N ASP A 146 7.47 28.20 6.31
CA ASP A 146 8.78 27.60 6.06
C ASP A 146 8.88 26.33 6.89
N TYR A 147 9.13 25.20 6.22
CA TYR A 147 9.22 23.89 6.87
C TYR A 147 10.60 23.27 6.75
N SER A 148 11.59 24.04 6.29
CA SER A 148 12.97 23.58 6.17
C SER A 148 13.41 22.80 7.39
N GLY A 149 13.97 21.60 7.15
CA GLY A 149 14.41 20.73 8.21
C GLY A 149 13.33 20.04 9.04
N GLN A 150 12.06 20.41 8.88
CA GLN A 150 11.00 19.83 9.70
C GLN A 150 10.44 18.56 9.06
N GLY A 151 10.10 17.58 9.91
CA GLY A 151 9.52 16.32 9.44
C GLY A 151 10.53 15.44 8.73
N VAL A 152 10.06 14.26 8.30
CA VAL A 152 10.90 13.30 7.57
C VAL A 152 10.89 13.64 6.09
N ASP A 153 12.09 13.76 5.50
CA ASP A 153 12.21 13.93 4.05
C ASP A 153 12.21 12.53 3.44
N GLN A 154 11.01 12.02 3.14
CA GLN A 154 10.92 10.65 2.63
C GLN A 154 11.55 10.53 1.25
N LEU A 155 11.33 11.53 0.39
CA LEU A 155 11.84 11.45 -0.98
C LEU A 155 13.36 11.33 -1.01
N GLN A 156 14.05 12.12 -0.18
CA GLN A 156 15.50 12.06 -0.13
C GLN A 156 16.00 10.82 0.61
N LYS A 157 15.30 10.40 1.66
CA LYS A 157 15.64 9.15 2.32
C LYS A 157 15.57 7.98 1.32
N VAL A 158 14.56 7.99 0.46
CA VAL A 158 14.45 6.92 -0.54
C VAL A 158 15.65 6.96 -1.47
N ILE A 159 15.94 8.14 -2.02
CA ILE A 159 17.11 8.29 -2.89
C ILE A 159 18.38 7.83 -2.20
N ASP A 160 18.60 8.24 -0.94
CA ASP A 160 19.80 7.85 -0.22
C ASP A 160 19.89 6.34 -0.07
N THR A 161 18.79 5.69 0.35
CA THR A 161 18.81 4.26 0.61
C THR A 161 19.08 3.48 -0.67
N ILE A 162 18.54 3.92 -1.80
CA ILE A 162 18.80 3.23 -3.05
C ILE A 162 20.30 3.22 -3.34
N LYS A 163 20.99 4.32 -3.06
CA LYS A 163 22.45 4.40 -3.25
C LYS A 163 23.19 3.52 -2.26
N THR A 164 22.94 3.68 -0.97
CA THR A 164 23.82 3.02 -0.02
C THR A 164 23.42 1.57 0.24
N ASN A 165 22.16 1.20 0.05
CA ASN A 165 21.68 -0.13 0.40
C ASN A 165 20.53 -0.51 -0.52
N PRO A 166 20.83 -0.81 -1.79
CA PRO A 166 19.76 -1.13 -2.74
C PRO A 166 19.00 -2.41 -2.42
N ASP A 167 19.56 -3.33 -1.66
CA ASP A 167 18.84 -4.54 -1.28
C ASP A 167 17.72 -4.29 -0.28
N ASP A 168 17.68 -3.09 0.31
CA ASP A 168 16.72 -2.80 1.38
C ASP A 168 15.29 -3.03 0.92
N ARG A 169 14.52 -3.71 1.77
CA ARG A 169 13.12 -4.01 1.51
C ARG A 169 12.17 -3.04 2.19
N ARG A 170 12.64 -1.86 2.58
CA ARG A 170 11.83 -0.86 3.29
C ARG A 170 11.83 0.51 2.61
N ILE A 171 12.21 0.57 1.32
CA ILE A 171 12.30 1.84 0.62
C ILE A 171 10.89 2.28 0.25
N ILE A 172 10.27 3.05 1.13
CA ILE A 172 8.86 3.37 0.99
C ILE A 172 8.70 4.87 1.13
N MET A 173 7.78 5.43 0.35
CA MET A 173 7.37 6.83 0.49
C MET A 173 5.86 6.84 0.67
N CYS A 174 5.41 7.37 1.80
CA CYS A 174 4.03 7.22 2.25
C CYS A 174 3.38 8.57 2.31
N ALA A 175 2.28 8.75 1.58
CA ALA A 175 1.54 10.00 1.64
C ALA A 175 0.31 9.92 2.53
N TRP A 176 -0.12 8.70 2.85
CA TRP A 176 -1.28 8.51 3.71
C TRP A 176 -0.86 8.88 5.13
N ASN A 177 -1.38 9.99 5.64
CA ASN A 177 -1.07 10.43 7.00
C ASN A 177 -2.36 10.58 7.78
N PRO A 178 -2.77 9.55 8.53
CA PRO A 178 -4.06 9.65 9.26
C PRO A 178 -4.17 10.87 10.17
N LYS A 179 -3.07 11.32 10.77
CA LYS A 179 -3.13 12.53 11.59
C LYS A 179 -3.51 13.76 10.75
N ASP A 180 -2.97 13.90 9.55
CA ASP A 180 -3.16 15.10 8.74
C ASP A 180 -4.40 15.05 7.84
N LEU A 181 -5.03 13.89 7.67
CA LEU A 181 -6.16 13.76 6.75
C LEU A 181 -7.22 14.84 6.89
N PRO A 182 -7.72 15.17 8.08
CA PRO A 182 -8.71 16.26 8.16
C PRO A 182 -8.18 17.59 7.65
N LEU A 183 -6.87 17.83 7.67
CA LEU A 183 -6.35 19.10 7.17
C LEU A 183 -6.28 19.16 5.63
N MET A 184 -6.50 18.07 4.92
CA MET A 184 -6.25 18.06 3.49
C MET A 184 -7.49 18.45 2.72
N ALA A 185 -7.27 19.08 1.56
CA ALA A 185 -8.39 19.35 0.65
C ALA A 185 -9.07 18.06 0.19
N LEU A 186 -8.28 16.99 -0.06
CA LEU A 186 -8.72 15.65 -0.50
C LEU A 186 -7.81 14.61 0.11
N PRO A 187 -8.32 13.44 0.48
CA PRO A 187 -7.42 12.35 0.91
C PRO A 187 -6.66 11.83 -0.30
N PRO A 188 -5.37 11.51 -0.15
CA PRO A 188 -4.58 11.11 -1.32
C PRO A 188 -5.04 9.77 -1.88
N CYS A 189 -5.11 9.69 -3.22
CA CYS A 189 -5.36 8.40 -3.87
C CYS A 189 -4.15 7.49 -3.82
N HIS A 190 -2.96 8.08 -3.84
CA HIS A 190 -1.72 7.32 -3.92
C HIS A 190 -1.14 7.24 -2.51
N ALA A 191 -1.51 6.17 -1.80
CA ALA A 191 -1.21 6.07 -0.37
C ALA A 191 0.28 5.92 -0.11
N LEU A 192 0.95 5.08 -0.89
CA LEU A 192 2.39 4.88 -0.71
C LEU A 192 2.96 4.27 -1.99
N CYS A 193 4.26 4.47 -2.20
CA CYS A 193 4.96 3.69 -3.20
C CYS A 193 6.20 3.07 -2.58
N GLN A 194 6.67 1.99 -3.16
CA GLN A 194 7.85 1.27 -2.69
C GLN A 194 8.81 1.10 -3.85
N PHE A 195 10.10 1.25 -3.57
CA PHE A 195 11.14 1.03 -4.57
C PHE A 195 11.89 -0.25 -4.28
N TYR A 196 12.52 -0.79 -5.32
CA TYR A 196 13.17 -2.10 -5.29
C TYR A 196 14.31 -2.07 -6.30
N VAL A 197 15.44 -2.70 -5.96
CA VAL A 197 16.60 -2.75 -6.83
C VAL A 197 17.08 -4.18 -6.96
N VAL A 198 17.22 -4.64 -8.20
CA VAL A 198 17.92 -5.89 -8.52
C VAL A 198 18.50 -5.73 -9.92
N ASN A 199 19.65 -6.38 -10.15
CA ASN A 199 20.24 -6.45 -11.49
C ASN A 199 20.42 -5.04 -12.07
N GLY A 200 20.81 -4.10 -11.21
CA GLY A 200 20.99 -2.71 -11.61
C GLY A 200 19.74 -1.99 -12.06
N GLU A 201 18.55 -2.56 -11.82
CA GLU A 201 17.29 -1.96 -12.26
C GLU A 201 16.46 -1.52 -11.06
N LEU A 202 15.89 -0.33 -11.16
CA LEU A 202 15.04 0.24 -10.13
C LEU A 202 13.58 0.08 -10.54
N SER A 203 12.80 -0.61 -9.69
CA SER A 203 11.35 -0.73 -9.87
C SER A 203 10.60 0.02 -8.77
N CYS A 204 9.30 0.23 -9.02
CA CYS A 204 8.44 1.01 -8.17
C CYS A 204 7.06 0.37 -8.13
N GLN A 205 6.51 0.16 -6.95
CA GLN A 205 5.12 -0.27 -6.82
C GLN A 205 4.32 0.84 -6.16
N LEU A 206 3.23 1.24 -6.78
CA LEU A 206 2.31 2.21 -6.22
C LEU A 206 1.09 1.49 -5.68
N TYR A 207 0.72 1.77 -4.44
CA TYR A 207 -0.58 1.37 -3.91
C TYR A 207 -1.55 2.52 -4.10
N GLN A 208 -2.48 2.39 -5.05
CA GLN A 208 -3.47 3.42 -5.35
C GLN A 208 -4.80 2.94 -4.80
N ARG A 209 -5.33 3.63 -3.78
CA ARG A 209 -6.51 3.14 -3.06
C ARG A 209 -7.79 3.27 -3.89
N SER A 210 -7.76 4.03 -4.99
CA SER A 210 -8.98 4.37 -5.70
C SER A 210 -8.63 4.90 -7.09
N GLY A 211 -9.23 4.33 -8.12
CA GLY A 211 -8.76 4.65 -9.44
C GLY A 211 -9.87 4.71 -10.46
N ASP A 212 -10.07 5.88 -11.04
CA ASP A 212 -10.95 6.07 -12.18
C ASP A 212 -10.23 5.59 -13.42
N MET A 213 -10.63 4.44 -13.96
CA MET A 213 -9.94 3.89 -15.12
C MET A 213 -10.02 4.82 -16.31
N GLY A 214 -11.04 5.69 -16.34
CA GLY A 214 -11.28 6.46 -17.53
C GLY A 214 -10.67 7.86 -17.54
N LEU A 215 -9.97 8.23 -16.48
CA LEU A 215 -9.37 9.57 -16.43
C LEU A 215 -8.08 9.70 -15.65
N GLY A 216 -8.10 9.36 -14.36
CA GLY A 216 -6.92 9.51 -13.54
C GLY A 216 -5.87 8.44 -13.78
N VAL A 217 -6.32 7.19 -13.93
CA VAL A 217 -5.38 6.06 -13.94
C VAL A 217 -4.30 6.19 -15.00
N PRO A 218 -4.60 6.47 -16.28
CA PRO A 218 -3.49 6.62 -17.25
C PRO A 218 -2.50 7.69 -16.81
N PHE A 219 -3.01 8.81 -16.29
CA PHE A 219 -2.18 9.87 -15.71
C PHE A 219 -1.34 9.36 -14.53
N ASN A 220 -1.96 8.68 -13.57
CA ASN A 220 -1.25 8.15 -12.41
C ASN A 220 -0.14 7.18 -12.81
N ILE A 221 -0.39 6.30 -13.78
CA ILE A 221 0.66 5.42 -14.26
C ILE A 221 1.84 6.23 -14.77
N ALA A 222 1.57 7.37 -15.44
CA ALA A 222 2.66 8.17 -15.97
C ALA A 222 3.43 8.89 -14.87
N SER A 223 2.71 9.42 -13.88
CA SER A 223 3.35 10.11 -12.75
C SER A 223 4.47 9.28 -12.14
N TYR A 224 4.15 8.05 -11.73
CA TYR A 224 5.08 7.24 -10.95
C TYR A 224 6.09 6.54 -11.82
N ALA A 225 5.76 6.28 -13.08
CA ALA A 225 6.80 5.85 -14.01
C ALA A 225 7.85 6.94 -14.18
N LEU A 226 7.41 8.18 -14.38
CA LEU A 226 8.31 9.31 -14.46
C LEU A 226 9.19 9.42 -13.21
N LEU A 227 8.55 9.41 -12.02
CA LEU A 227 9.28 9.44 -10.77
C LEU A 227 10.33 8.34 -10.71
N THR A 228 10.03 7.16 -11.26
CA THR A 228 11.02 6.08 -11.29
C THR A 228 12.18 6.41 -12.24
N TYR A 229 11.88 6.96 -13.41
CA TYR A 229 12.92 7.44 -14.31
C TYR A 229 13.83 8.46 -13.62
N MET A 230 13.22 9.46 -12.94
CA MET A 230 13.99 10.52 -12.29
C MET A 230 14.92 9.97 -11.22
N ILE A 231 14.42 9.05 -10.38
CA ILE A 231 15.24 8.54 -9.29
C ILE A 231 16.26 7.53 -9.81
N ALA A 232 15.96 6.81 -10.89
CA ALA A 232 16.95 5.93 -11.50
C ALA A 232 18.12 6.74 -12.04
N HIS A 233 17.82 7.80 -12.77
CA HIS A 233 18.84 8.72 -13.26
C HIS A 233 19.78 9.16 -12.16
N ILE A 234 19.22 9.64 -11.04
CA ILE A 234 19.99 10.19 -9.94
C ILE A 234 20.88 9.14 -9.29
N THR A 235 20.43 7.90 -9.22
CA THR A 235 21.14 6.86 -8.48
C THR A 235 21.97 5.97 -9.39
N GLY A 236 22.10 6.32 -10.66
CA GLY A 236 22.93 5.57 -11.59
C GLY A 236 22.36 4.23 -11.97
N LEU A 237 21.04 4.06 -11.89
CA LEU A 237 20.39 2.81 -12.24
C LEU A 237 19.59 3.01 -13.51
N GLN A 238 19.16 1.86 -14.11
CA GLN A 238 18.23 1.74 -15.23
C GLN A 238 16.80 1.53 -14.72
N PRO A 239 15.81 2.27 -15.23
CA PRO A 239 14.41 1.96 -14.92
C PRO A 239 14.11 0.49 -15.15
N GLY A 240 13.47 -0.16 -14.17
CA GLY A 240 13.03 -1.55 -14.30
C GLY A 240 11.55 -1.70 -14.62
N ASP A 241 10.69 -1.95 -13.62
CA ASP A 241 9.25 -2.04 -13.78
C ASP A 241 8.53 -1.00 -12.93
N PHE A 242 7.40 -0.55 -13.42
CA PHE A 242 6.40 0.11 -12.59
C PHE A 242 5.28 -0.89 -12.36
N VAL A 243 4.99 -1.18 -11.09
CA VAL A 243 3.92 -2.11 -10.73
C VAL A 243 2.77 -1.30 -10.18
N HIS A 244 1.62 -1.40 -10.82
CA HIS A 244 0.48 -0.57 -10.47
C HIS A 244 -0.54 -1.41 -9.69
N THR A 245 -0.74 -1.12 -8.40
CA THR A 245 -1.71 -1.86 -7.60
C THR A 245 -2.91 -1.01 -7.22
N LEU A 246 -4.12 -1.51 -7.48
CA LEU A 246 -5.36 -0.78 -7.29
C LEU A 246 -6.18 -1.43 -6.18
N GLY A 247 -6.78 -0.60 -5.34
CA GLY A 247 -7.83 -1.03 -4.45
C GLY A 247 -9.15 -0.98 -5.21
N ASP A 248 -9.92 0.09 -5.07
CA ASP A 248 -11.17 0.23 -5.82
C ASP A 248 -10.85 0.74 -7.22
N ALA A 249 -10.79 -0.18 -8.18
CA ALA A 249 -10.69 0.14 -9.60
C ALA A 249 -12.11 0.29 -10.16
N HIS A 250 -12.44 1.46 -10.71
CA HIS A 250 -13.81 1.68 -11.13
C HIS A 250 -13.89 2.42 -12.47
N ILE A 251 -15.06 2.31 -13.09
CA ILE A 251 -15.45 3.11 -14.24
C ILE A 251 -16.77 3.76 -13.93
N TYR A 252 -16.92 5.05 -14.27
CA TYR A 252 -18.18 5.74 -14.04
C TYR A 252 -19.19 5.34 -15.10
N LEU A 253 -20.46 5.20 -14.68
CA LEU A 253 -21.46 4.61 -15.58
C LEU A 253 -21.55 5.36 -16.89
N ASN A 254 -21.50 6.69 -16.85
CA ASN A 254 -21.62 7.49 -18.06
C ASN A 254 -20.41 7.40 -18.98
N HIS A 255 -19.31 6.72 -18.59
CA HIS A 255 -18.14 6.59 -19.46
C HIS A 255 -17.99 5.19 -20.03
N ILE A 256 -18.98 4.32 -19.83
CA ILE A 256 -18.91 2.96 -20.35
C ILE A 256 -18.78 2.96 -21.86
N GLU A 257 -19.61 3.75 -22.54
CA GLU A 257 -19.62 3.69 -24.00
C GLU A 257 -18.33 4.22 -24.63
N PRO A 258 -17.80 5.39 -24.25
CA PRO A 258 -16.51 5.80 -24.83
C PRO A 258 -15.39 4.81 -24.56
N LEU A 259 -15.35 4.21 -23.38
CA LEU A 259 -14.28 3.25 -23.11
C LEU A 259 -14.41 2.01 -23.99
N LYS A 260 -15.65 1.53 -24.21
CA LYS A 260 -15.79 0.31 -25.01
C LYS A 260 -15.41 0.54 -26.46
N ILE A 261 -15.54 1.77 -26.94
CA ILE A 261 -14.98 2.10 -28.25
C ILE A 261 -13.46 2.17 -28.18
N GLN A 262 -12.93 2.70 -27.09
CA GLN A 262 -11.49 2.75 -26.93
C GLN A 262 -10.88 1.35 -26.85
N LEU A 263 -11.63 0.36 -26.33
CA LEU A 263 -11.06 -0.99 -26.20
C LEU A 263 -10.86 -1.69 -27.54
N GLN A 264 -11.53 -1.26 -28.60
CA GLN A 264 -11.30 -1.91 -29.88
C GLN A 264 -10.18 -1.25 -30.67
N ARG A 265 -9.60 -0.19 -30.12
CA ARG A 265 -8.47 0.45 -30.75
C ARG A 265 -7.24 -0.31 -30.37
N GLU A 266 -6.34 -0.51 -31.32
CA GLU A 266 -5.11 -1.22 -31.04
C GLU A 266 -4.05 -0.26 -30.54
N PRO A 267 -3.38 -0.61 -29.46
CA PRO A 267 -2.36 0.30 -28.93
C PRO A 267 -1.16 0.43 -29.86
N ARG A 268 -0.63 1.62 -29.91
CA ARG A 268 0.59 1.92 -30.64
C ARG A 268 1.78 1.75 -29.70
N PRO A 269 2.96 1.51 -30.24
CA PRO A 269 4.13 1.32 -29.37
C PRO A 269 4.29 2.50 -28.42
N PHE A 270 4.72 2.20 -27.19
CA PHE A 270 4.90 3.26 -26.19
C PHE A 270 5.98 4.23 -26.67
N PRO A 271 5.84 5.50 -26.38
CA PRO A 271 6.92 6.42 -26.68
C PRO A 271 8.13 6.10 -25.82
N LYS A 272 9.21 6.84 -26.01
CA LYS A 272 10.37 6.79 -25.14
C LYS A 272 10.50 8.13 -24.44
N LEU A 273 11.07 8.11 -23.25
CA LEU A 273 11.35 9.31 -22.48
C LEU A 273 12.86 9.52 -22.42
N LYS A 274 13.30 10.71 -22.78
CA LYS A 274 14.71 11.02 -22.74
C LYS A 274 14.97 12.11 -21.72
N ILE A 275 16.06 11.95 -20.98
CA ILE A 275 16.52 12.92 -20.00
C ILE A 275 17.72 13.65 -20.61
N LEU A 276 17.54 14.93 -20.91
CA LEU A 276 18.43 15.64 -21.82
C LEU A 276 19.71 16.14 -21.17
N ARG A 277 20.00 15.73 -19.94
CA ARG A 277 21.12 16.34 -19.23
C ARG A 277 21.41 15.49 -17.99
N LYS A 278 22.66 15.47 -17.55
CA LYS A 278 22.99 14.74 -16.33
C LYS A 278 22.61 15.59 -15.13
N VAL A 279 21.68 15.08 -14.32
CA VAL A 279 21.18 15.80 -13.15
C VAL A 279 21.66 15.08 -11.90
N GLU A 280 22.03 15.86 -10.88
CA GLU A 280 22.69 15.32 -9.69
C GLU A 280 21.73 15.07 -8.55
N THR A 281 20.79 15.98 -8.30
CA THR A 281 19.83 15.84 -7.22
C THR A 281 18.41 15.93 -7.78
N ILE A 282 17.46 15.39 -6.99
CA ILE A 282 16.06 15.38 -7.44
C ILE A 282 15.50 16.79 -7.50
N ASP A 283 15.96 17.68 -6.63
CA ASP A 283 15.46 19.04 -6.66
C ASP A 283 15.91 19.82 -7.90
N ASP A 284 16.90 19.31 -8.64
CA ASP A 284 17.50 20.06 -9.75
C ASP A 284 16.80 19.81 -11.09
N PHE A 285 15.91 18.82 -11.18
CA PHE A 285 15.18 18.59 -12.43
C PHE A 285 14.32 19.79 -12.80
N LYS A 286 14.30 20.13 -14.08
CA LYS A 286 13.45 21.17 -14.62
C LYS A 286 12.69 20.59 -15.81
N VAL A 287 11.57 21.22 -16.15
CA VAL A 287 10.70 20.75 -17.22
C VAL A 287 11.49 20.50 -18.50
N GLU A 288 12.43 21.38 -18.84
CA GLU A 288 13.16 21.27 -20.09
C GLU A 288 14.13 20.09 -20.09
N ASP A 289 14.39 19.47 -18.94
CA ASP A 289 15.28 18.31 -18.94
C ASP A 289 14.66 17.08 -19.59
N PHE A 290 13.38 17.11 -19.97
CA PHE A 290 12.66 15.90 -20.37
C PHE A 290 12.06 16.04 -21.75
N GLN A 291 12.08 14.95 -22.48
CA GLN A 291 11.48 14.92 -23.78
C GLN A 291 10.79 13.60 -24.05
N ILE A 292 9.50 13.64 -24.37
CA ILE A 292 8.76 12.46 -24.79
C ILE A 292 8.91 12.33 -26.31
N GLU A 293 9.47 11.23 -26.77
CA GLU A 293 9.69 11.02 -28.19
C GLU A 293 8.86 9.88 -28.76
N GLY A 294 8.21 10.15 -29.89
CA GLY A 294 7.40 9.14 -30.55
C GLY A 294 6.08 8.86 -29.87
N TYR A 295 5.43 9.88 -29.33
CA TYR A 295 4.14 9.71 -28.66
C TYR A 295 3.02 9.94 -29.67
N ASN A 296 2.37 8.87 -30.10
CA ASN A 296 1.34 8.92 -31.15
C ASN A 296 0.01 8.33 -30.68
N PRO A 297 -0.69 9.00 -29.77
CA PRO A 297 -1.93 8.44 -29.24
C PRO A 297 -3.08 8.55 -30.23
N HIS A 298 -3.99 7.57 -30.14
CA HIS A 298 -5.24 7.63 -30.88
C HIS A 298 -5.98 8.91 -30.54
N PRO A 299 -6.68 9.51 -31.50
CA PRO A 299 -7.44 10.73 -31.24
C PRO A 299 -8.81 10.38 -30.67
N THR A 300 -9.55 11.42 -30.29
CA THR A 300 -10.90 11.23 -29.80
C THR A 300 -11.83 12.34 -30.31
N GLY B 23 -8.12 -21.98 -4.31
CA GLY B 23 -7.70 -20.82 -3.53
C GLY B 23 -6.23 -20.91 -3.13
N GLU B 24 -5.85 -22.04 -2.52
CA GLU B 24 -4.44 -22.26 -2.19
C GLU B 24 -3.57 -22.40 -3.44
N LEU B 25 -4.16 -22.74 -4.58
CA LEU B 25 -3.37 -22.85 -5.81
C LEU B 25 -2.62 -21.56 -6.09
N GLN B 26 -3.25 -20.40 -5.80
CA GLN B 26 -2.62 -19.11 -6.03
C GLN B 26 -1.35 -18.93 -5.22
N TYR B 27 -1.36 -19.32 -3.94
CA TYR B 27 -0.13 -19.22 -3.17
C TYR B 27 0.93 -20.17 -3.72
N LEU B 28 0.53 -21.36 -4.17
CA LEU B 28 1.47 -22.31 -4.74
C LEU B 28 2.03 -21.82 -6.07
N ARG B 29 1.19 -21.26 -6.91
CA ARG B 29 1.63 -20.74 -8.18
C ARG B 29 2.59 -19.58 -7.98
N GLN B 30 2.41 -18.82 -6.91
CA GLN B 30 3.30 -17.70 -6.59
C GLN B 30 4.67 -18.20 -6.15
N VAL B 31 4.70 -19.25 -5.32
CA VAL B 31 5.98 -19.86 -4.94
C VAL B 31 6.69 -20.42 -6.17
N GLU B 32 5.95 -21.13 -7.03
CA GLU B 32 6.55 -21.65 -8.27
C GLU B 32 7.14 -20.51 -9.10
N HIS B 33 6.39 -19.41 -9.25
CA HIS B 33 6.86 -18.29 -10.06
C HIS B 33 8.19 -17.75 -9.55
N ILE B 34 8.32 -17.58 -8.24
CA ILE B 34 9.56 -17.06 -7.70
C ILE B 34 10.69 -18.04 -7.97
N LEU B 35 10.44 -19.34 -7.80
CA LEU B 35 11.45 -20.35 -8.14
C LEU B 35 11.81 -20.31 -9.63
N ARG B 36 10.83 -20.11 -10.49
CA ARG B 36 11.06 -20.11 -11.94
C ARG B 36 11.48 -18.79 -12.60
N CYS B 37 11.18 -17.65 -11.97
CA CYS B 37 11.52 -16.38 -12.57
C CYS B 37 12.15 -15.37 -11.61
N GLY B 38 12.23 -15.66 -10.32
CA GLY B 38 12.88 -14.74 -9.42
C GLY B 38 14.36 -14.59 -9.72
N PHE B 39 14.91 -13.47 -9.24
CA PHE B 39 16.32 -13.18 -9.36
C PHE B 39 16.98 -13.38 -8.00
N LYS B 40 18.24 -13.76 -8.03
CA LYS B 40 19.03 -13.83 -6.82
C LYS B 40 19.22 -12.41 -6.28
N LYS B 41 19.00 -12.24 -4.99
CA LYS B 41 19.01 -10.92 -4.39
C LYS B 41 19.49 -11.05 -2.96
N GLU B 42 20.63 -10.41 -2.66
CA GLU B 42 21.14 -10.40 -1.31
C GLU B 42 20.17 -9.64 -0.40
N ASP B 43 20.32 -9.84 0.90
CA ASP B 43 19.43 -9.17 1.82
C ASP B 43 20.19 -8.74 3.06
N ARG B 44 19.44 -8.13 3.98
CA ARG B 44 20.03 -7.61 5.21
C ARG B 44 20.70 -8.70 6.02
N THR B 45 20.18 -9.92 5.96
CA THR B 45 20.72 -11.06 6.68
C THR B 45 21.93 -11.71 5.98
N GLY B 46 22.26 -11.29 4.76
CA GLY B 46 23.37 -11.86 4.03
C GLY B 46 23.17 -13.28 3.52
N THR B 47 22.03 -13.92 3.81
CA THR B 47 21.84 -15.30 3.34
C THR B 47 21.44 -15.38 1.87
N GLY B 48 20.70 -14.39 1.35
CA GLY B 48 20.29 -14.43 -0.05
C GLY B 48 18.94 -15.09 -0.34
N THR B 49 18.24 -14.58 -1.35
CA THR B 49 16.90 -15.04 -1.69
C THR B 49 16.77 -15.21 -3.20
N LEU B 50 15.66 -15.82 -3.61
CA LEU B 50 15.10 -15.64 -4.94
C LEU B 50 13.91 -14.69 -4.78
N SER B 51 13.85 -13.66 -5.61
CA SER B 51 12.97 -12.52 -5.36
C SER B 51 12.24 -12.08 -6.63
N VAL B 52 10.95 -11.85 -6.48
CA VAL B 52 10.11 -11.16 -7.45
C VAL B 52 9.54 -9.93 -6.76
N PHE B 53 9.54 -8.79 -7.45
CA PHE B 53 8.93 -7.57 -6.93
C PHE B 53 7.53 -7.40 -7.53
N GLY B 54 6.52 -7.40 -6.66
CA GLY B 54 5.15 -7.14 -7.09
C GLY B 54 4.40 -8.41 -7.41
N MET B 55 3.46 -8.82 -6.53
CA MET B 55 2.59 -9.98 -6.76
C MET B 55 1.27 -9.73 -6.07
N GLN B 56 0.25 -10.49 -6.47
CA GLN B 56 -1.08 -10.26 -5.94
C GLN B 56 -1.87 -11.55 -6.06
N ALA B 57 -2.61 -11.90 -5.01
CA ALA B 57 -3.48 -13.05 -5.00
C ALA B 57 -4.77 -12.71 -4.27
N ARG B 58 -5.87 -13.28 -4.72
CA ARG B 58 -7.20 -13.06 -4.17
C ARG B 58 -7.70 -14.36 -3.54
N TYR B 59 -7.95 -14.34 -2.23
CA TYR B 59 -8.46 -15.51 -1.51
C TYR B 59 -9.91 -15.25 -1.12
N SER B 60 -10.82 -16.09 -1.63
CA SER B 60 -12.21 -15.96 -1.21
C SER B 60 -12.37 -16.30 0.26
N LEU B 61 -13.21 -15.53 0.94
CA LEU B 61 -13.57 -15.79 2.32
C LEU B 61 -15.02 -16.24 2.44
N ARG B 62 -15.64 -16.61 1.32
CA ARG B 62 -17.07 -16.96 1.30
C ARG B 62 -17.23 -18.43 1.68
N ASP B 63 -17.61 -18.66 2.94
CA ASP B 63 -17.87 -20.00 3.47
C ASP B 63 -16.62 -20.86 3.53
N GLU B 64 -15.44 -20.24 3.63
CA GLU B 64 -14.20 -20.94 3.92
C GLU B 64 -13.21 -19.91 4.48
N PHE B 65 -12.17 -20.42 5.12
CA PHE B 65 -11.11 -19.58 5.67
C PHE B 65 -9.77 -20.04 5.13
N PRO B 66 -8.94 -19.12 4.62
CA PRO B 66 -7.69 -19.49 3.92
C PRO B 66 -6.52 -19.77 4.87
N LEU B 67 -6.70 -20.78 5.72
CA LEU B 67 -5.57 -21.37 6.44
C LEU B 67 -4.94 -22.42 5.53
N LEU B 68 -3.65 -22.27 5.25
CA LEU B 68 -3.01 -23.09 4.22
C LEU B 68 -2.86 -24.54 4.68
N THR B 69 -3.08 -25.47 3.75
CA THR B 69 -3.09 -26.89 4.06
C THR B 69 -1.80 -27.61 3.69
N THR B 70 -1.07 -27.14 2.68
CA THR B 70 0.14 -27.85 2.30
C THR B 70 1.26 -27.74 3.33
N LYS B 71 1.05 -27.01 4.43
CA LYS B 71 1.97 -26.97 5.57
C LYS B 71 1.22 -26.32 6.72
N ARG B 72 1.47 -26.78 7.95
CA ARG B 72 0.70 -26.31 9.10
C ARG B 72 1.04 -24.87 9.44
N VAL B 73 0.01 -24.03 9.61
CA VAL B 73 0.17 -22.66 10.06
C VAL B 73 -0.18 -22.57 11.55
N PHE B 74 0.64 -21.82 12.30
CA PHE B 74 0.54 -21.63 13.75
C PHE B 74 -0.69 -20.78 14.09
N TRP B 75 -1.87 -21.39 13.99
CA TRP B 75 -3.10 -20.62 14.10
C TRP B 75 -3.27 -19.98 15.47
N LYS B 76 -2.81 -20.65 16.53
CA LYS B 76 -2.82 -20.04 17.85
C LYS B 76 -2.12 -18.68 17.81
N GLY B 77 -0.92 -18.65 17.20
CA GLY B 77 -0.21 -17.38 17.08
C GLY B 77 -0.98 -16.32 16.31
N VAL B 78 -1.59 -16.71 15.20
CA VAL B 78 -2.36 -15.75 14.39
C VAL B 78 -3.43 -15.08 15.24
N LEU B 79 -4.27 -15.89 15.91
CA LEU B 79 -5.37 -15.37 16.71
C LEU B 79 -4.86 -14.52 17.88
N GLU B 80 -3.87 -15.02 18.63
CA GLU B 80 -3.46 -14.28 19.82
C GLU B 80 -2.73 -12.99 19.44
N GLU B 81 -1.92 -13.05 18.37
CA GLU B 81 -1.21 -11.85 17.94
C GLU B 81 -2.19 -10.77 17.50
N LEU B 82 -3.27 -11.18 16.83
CA LEU B 82 -4.25 -10.20 16.40
C LEU B 82 -4.97 -9.60 17.59
N LEU B 83 -5.36 -10.43 18.57
CA LEU B 83 -5.97 -9.92 19.78
C LEU B 83 -5.02 -8.96 20.49
N TRP B 84 -3.74 -9.32 20.52
CA TRP B 84 -2.73 -8.43 21.07
C TRP B 84 -2.74 -7.09 20.34
N PHE B 85 -2.74 -7.12 18.99
CA PHE B 85 -2.78 -5.90 18.19
C PHE B 85 -3.96 -5.03 18.59
N ILE B 86 -5.15 -5.64 18.68
CA ILE B 86 -6.41 -4.92 18.87
C ILE B 86 -6.43 -4.16 20.19
N LYS B 87 -5.85 -4.73 21.24
CA LYS B 87 -5.88 -4.02 22.51
C LYS B 87 -4.76 -2.99 22.63
N GLY B 88 -4.01 -2.76 21.56
CA GLY B 88 -3.10 -1.64 21.52
C GLY B 88 -1.75 -1.88 22.15
N SER B 89 -1.42 -3.12 22.49
CA SER B 89 -0.22 -3.42 23.24
C SER B 89 1.01 -3.40 22.35
N THR B 90 2.08 -2.77 22.84
CA THR B 90 3.39 -2.85 22.21
C THR B 90 4.39 -3.61 23.09
N ASN B 91 3.91 -4.56 23.90
CA ASN B 91 4.70 -5.25 24.92
C ASN B 91 4.81 -6.72 24.54
N ALA B 92 6.01 -7.15 24.17
CA ALA B 92 6.20 -8.52 23.71
C ALA B 92 5.85 -9.54 24.78
N LYS B 93 5.99 -9.15 26.06
CA LYS B 93 5.71 -10.09 27.15
C LYS B 93 4.21 -10.40 27.23
N GLU B 94 3.38 -9.41 26.94
CA GLU B 94 1.93 -9.58 26.97
C GLU B 94 1.47 -10.68 26.03
N LEU B 95 2.18 -10.85 24.93
CA LEU B 95 1.84 -11.90 23.98
C LEU B 95 2.57 -13.20 24.31
N SER B 96 3.81 -13.11 24.79
CA SER B 96 4.53 -14.30 25.24
C SER B 96 3.73 -15.07 26.28
N SER B 97 3.12 -14.34 27.23
CA SER B 97 2.34 -14.98 28.28
C SER B 97 1.18 -15.80 27.72
N LYS B 98 0.83 -15.61 26.46
CA LYS B 98 -0.15 -16.45 25.81
C LYS B 98 0.47 -17.69 25.18
N GLY B 99 1.79 -17.88 25.34
CA GLY B 99 2.45 -18.98 24.69
C GLY B 99 2.68 -18.74 23.21
N VAL B 100 2.85 -17.48 22.81
CA VAL B 100 3.15 -17.07 21.45
C VAL B 100 4.40 -16.19 21.56
N ARG B 101 5.52 -16.67 21.09
CA ARG B 101 6.77 -15.95 21.29
C ARG B 101 7.38 -15.25 20.10
N ILE B 102 6.58 -15.06 19.07
CA ILE B 102 7.03 -14.46 17.81
C ILE B 102 7.83 -13.19 18.04
N TRP B 103 7.35 -12.31 18.90
CA TRP B 103 7.98 -11.02 19.08
C TRP B 103 9.06 -11.02 20.14
N ASP B 104 9.25 -12.12 20.88
CA ASP B 104 10.09 -12.07 22.09
C ASP B 104 11.52 -11.66 21.77
N ALA B 105 12.09 -12.21 20.69
CA ALA B 105 13.47 -11.88 20.33
C ALA B 105 13.65 -10.39 20.01
N ASN B 106 12.63 -9.74 19.46
CA ASN B 106 12.75 -8.31 19.17
C ASN B 106 12.53 -7.42 20.39
N GLY B 107 12.01 -7.98 21.48
CA GLY B 107 11.95 -7.31 22.75
C GLY B 107 13.06 -7.68 23.71
N SER B 108 13.97 -8.56 23.30
CA SER B 108 15.09 -8.97 24.13
C SER B 108 15.97 -7.77 24.48
N ARG B 109 16.73 -7.92 25.57
CA ARG B 109 17.59 -6.84 26.04
C ARG B 109 18.69 -6.53 25.05
N ASP B 110 19.39 -7.56 24.57
CA ASP B 110 20.54 -7.32 23.69
C ASP B 110 20.09 -6.79 22.34
N PHE B 111 18.97 -7.29 21.80
CA PHE B 111 18.47 -6.74 20.53
C PHE B 111 18.11 -5.27 20.68
N LEU B 112 17.42 -4.91 21.77
CA LEU B 112 17.06 -3.51 21.94
C LEU B 112 18.30 -2.64 22.15
N ASP B 113 19.29 -3.15 22.89
CA ASP B 113 20.55 -2.42 23.01
C ASP B 113 21.28 -2.33 21.68
N SER B 114 21.19 -3.39 20.87
CA SER B 114 21.76 -3.36 19.53
C SER B 114 21.28 -2.15 18.72
N LEU B 115 20.11 -1.61 19.05
CA LEU B 115 19.57 -0.45 18.36
C LEU B 115 19.64 0.83 19.19
N GLY B 116 20.42 0.85 20.26
CA GLY B 116 20.57 2.06 21.04
C GLY B 116 19.45 2.35 22.02
N PHE B 117 18.62 1.37 22.33
CA PHE B 117 17.52 1.53 23.28
C PHE B 117 17.88 0.95 24.65
N SER B 118 19.04 1.35 25.20
CA SER B 118 19.43 0.82 26.51
C SER B 118 18.45 1.25 27.59
N ALA B 119 17.94 2.49 27.51
CA ALA B 119 16.97 2.98 28.49
C ALA B 119 15.63 2.27 28.40
N ARG B 120 15.44 1.39 27.43
CA ARG B 120 14.15 0.75 27.25
C ARG B 120 14.02 -0.46 28.15
N GLN B 121 12.78 -0.79 28.50
CA GLN B 121 12.49 -1.97 29.27
C GLN B 121 12.32 -3.16 28.35
N GLU B 122 12.68 -4.35 28.83
CA GLU B 122 12.61 -5.52 27.97
C GLU B 122 11.14 -5.84 27.66
N GLY B 123 10.86 -6.11 26.37
CA GLY B 123 9.51 -6.30 25.90
C GLY B 123 8.91 -5.08 25.22
N ASP B 124 9.51 -3.90 25.39
CA ASP B 124 9.01 -2.67 24.76
C ASP B 124 9.42 -2.65 23.30
N LEU B 125 8.47 -2.91 22.41
CA LEU B 125 8.74 -2.96 20.98
C LEU B 125 8.72 -1.60 20.31
N GLY B 126 8.44 -0.53 21.04
CA GLY B 126 8.23 0.78 20.46
C GLY B 126 6.84 0.93 19.86
N PRO B 127 6.66 1.91 18.99
CA PRO B 127 5.31 2.15 18.41
C PRO B 127 5.03 1.29 17.19
N VAL B 128 4.83 0.00 17.43
CA VAL B 128 4.54 -0.95 16.37
C VAL B 128 3.04 -1.04 16.18
N TYR B 129 2.54 -2.13 15.60
CA TYR B 129 1.17 -2.15 15.08
C TYR B 129 0.16 -1.65 16.10
N GLY B 130 0.23 -2.19 17.34
CA GLY B 130 -0.78 -1.84 18.34
C GLY B 130 -0.89 -0.35 18.57
N PHE B 131 0.24 0.31 18.78
CA PHE B 131 0.23 1.75 18.92
C PHE B 131 -0.29 2.43 17.65
N GLN B 132 0.19 2.03 16.47
CA GLN B 132 -0.24 2.71 15.24
C GLN B 132 -1.72 2.50 14.96
N TRP B 133 -2.23 1.27 15.11
CA TRP B 133 -3.64 1.03 14.82
C TRP B 133 -4.59 1.80 15.74
N ARG B 134 -4.22 1.98 17.01
CA ARG B 134 -5.08 2.66 17.98
C ARG B 134 -4.69 4.11 18.29
N HIS B 135 -3.44 4.53 18.05
CA HIS B 135 -2.98 5.84 18.49
C HIS B 135 -2.05 6.48 17.46
N PHE B 136 -2.46 6.53 16.20
CA PHE B 136 -1.58 7.07 15.17
C PHE B 136 -1.36 8.57 15.36
N GLY B 137 -0.10 8.98 15.36
CA GLY B 137 0.28 10.36 15.55
C GLY B 137 0.58 10.77 16.99
N ALA B 138 0.24 9.92 17.96
CA ALA B 138 0.55 10.24 19.36
C ALA B 138 2.03 10.14 19.62
N GLU B 139 2.50 10.90 20.60
CA GLU B 139 3.91 10.87 20.96
C GLU B 139 4.18 9.66 21.85
N TYR B 140 4.96 8.71 21.33
CA TYR B 140 5.21 7.48 22.08
C TYR B 140 6.22 7.75 23.20
N LYS B 141 6.00 7.09 24.34
CA LYS B 141 6.96 7.16 25.44
C LYS B 141 7.50 5.76 25.72
N ASP B 142 6.74 4.94 26.45
CA ASP B 142 7.08 3.53 26.61
C ASP B 142 5.81 2.70 26.51
N MET B 143 5.98 1.39 26.63
CA MET B 143 4.86 0.46 26.49
C MET B 143 3.89 0.50 27.67
N ASP B 144 4.25 1.14 28.77
CA ASP B 144 3.35 1.25 29.91
C ASP B 144 2.56 2.55 29.95
N SER B 145 2.91 3.53 29.10
CA SER B 145 2.26 4.83 29.16
C SER B 145 0.76 4.70 28.87
N ASP B 146 0.01 5.73 29.25
CA ASP B 146 -1.42 5.78 29.01
C ASP B 146 -1.69 6.67 27.80
N TYR B 147 -2.19 6.06 26.72
CA TYR B 147 -2.43 6.75 25.46
C TYR B 147 -3.91 6.96 25.18
N SER B 148 -4.78 6.71 26.18
CA SER B 148 -6.22 6.92 26.06
C SER B 148 -6.50 8.25 25.39
N GLY B 149 -7.39 8.23 24.39
CA GLY B 149 -7.76 9.42 23.67
C GLY B 149 -6.67 10.06 22.85
N GLN B 150 -5.45 9.52 22.87
CA GLN B 150 -4.37 10.10 22.08
C GLN B 150 -4.28 9.45 20.70
N GLY B 151 -3.98 10.27 19.70
CA GLY B 151 -3.75 9.77 18.36
C GLY B 151 -5.04 9.35 17.68
N VAL B 152 -4.91 8.86 16.45
CA VAL B 152 -6.05 8.43 15.66
C VAL B 152 -6.28 6.95 15.92
N ASP B 153 -7.50 6.60 16.37
CA ASP B 153 -7.90 5.20 16.48
C ASP B 153 -8.36 4.73 15.11
N GLN B 154 -7.42 4.20 14.32
CA GLN B 154 -7.71 3.78 12.95
C GLN B 154 -8.62 2.57 12.89
N LEU B 155 -8.41 1.61 13.80
CA LEU B 155 -9.24 0.42 13.81
C LEU B 155 -10.73 0.76 13.99
N GLN B 156 -11.04 1.66 14.94
CA GLN B 156 -12.45 2.03 15.17
C GLN B 156 -12.98 2.93 14.07
N LYS B 157 -12.13 3.81 13.54
CA LYS B 157 -12.53 4.64 12.40
C LYS B 157 -12.95 3.77 11.23
N VAL B 158 -12.19 2.69 10.97
CA VAL B 158 -12.54 1.78 9.88
C VAL B 158 -13.90 1.15 10.14
N ILE B 159 -14.14 0.71 11.38
CA ILE B 159 -15.41 0.07 11.73
C ILE B 159 -16.57 1.06 11.60
N ASP B 160 -16.39 2.28 12.12
CA ASP B 160 -17.45 3.29 12.00
C ASP B 160 -17.77 3.55 10.53
N THR B 161 -16.74 3.76 9.70
CA THR B 161 -16.96 4.09 8.30
C THR B 161 -17.64 2.95 7.55
N ILE B 162 -17.28 1.70 7.86
CA ILE B 162 -17.96 0.58 7.23
C ILE B 162 -19.46 0.62 7.56
N LYS B 163 -19.80 0.84 8.83
CA LYS B 163 -21.21 0.95 9.22
C LYS B 163 -21.91 2.13 8.55
N THR B 164 -21.30 3.33 8.63
CA THR B 164 -21.99 4.54 8.21
C THR B 164 -21.87 4.88 6.73
N ASN B 165 -20.84 4.39 6.03
CA ASN B 165 -20.60 4.78 4.64
C ASN B 165 -19.80 3.68 3.96
N PRO B 166 -20.45 2.54 3.68
CA PRO B 166 -19.71 1.39 3.13
C PRO B 166 -19.16 1.62 1.73
N ASP B 167 -19.61 2.64 1.01
CA ASP B 167 -19.07 2.99 -0.30
C ASP B 167 -17.75 3.73 -0.22
N ASP B 168 -17.35 4.21 0.96
CA ASP B 168 -16.15 5.03 1.09
C ASP B 168 -14.94 4.28 0.52
N ARG B 169 -14.14 4.99 -0.28
CA ARG B 169 -12.94 4.44 -0.89
C ARG B 169 -11.67 4.82 -0.13
N ARG B 170 -11.82 5.27 1.13
CA ARG B 170 -10.71 5.69 1.99
C ARG B 170 -10.64 4.86 3.28
N ILE B 171 -11.24 3.69 3.29
CA ILE B 171 -11.27 2.88 4.51
C ILE B 171 -9.93 2.18 4.66
N ILE B 172 -8.96 2.87 5.24
CA ILE B 172 -7.57 2.42 5.29
C ILE B 172 -7.11 2.38 6.74
N MET B 173 -6.29 1.39 7.07
CA MET B 173 -5.58 1.36 8.33
C MET B 173 -4.10 1.24 8.00
N CYS B 174 -3.31 2.18 8.46
CA CYS B 174 -1.93 2.32 8.02
C CYS B 174 -0.99 2.16 9.20
N ALA B 175 -0.12 1.14 9.16
CA ALA B 175 0.88 1.01 10.23
C ALA B 175 2.22 1.65 9.89
N TRP B 176 2.48 1.91 8.60
CA TRP B 176 3.73 2.56 8.20
C TRP B 176 3.69 4.02 8.65
N ASN B 177 4.51 4.37 9.65
CA ASN B 177 4.57 5.73 10.18
C ASN B 177 6.00 6.26 10.07
N PRO B 178 6.32 7.02 9.02
CA PRO B 178 7.71 7.48 8.82
C PRO B 178 8.34 8.17 10.01
N LYS B 179 7.57 8.90 10.79
CA LYS B 179 8.10 9.55 11.94
C LYS B 179 8.44 8.62 13.09
N ASP B 180 7.70 7.55 13.24
CA ASP B 180 7.92 6.59 14.33
C ASP B 180 8.87 5.46 13.99
N LEU B 181 9.23 5.29 12.71
CA LEU B 181 10.10 4.20 12.28
C LEU B 181 11.38 4.06 13.12
N PRO B 182 12.13 5.11 13.40
CA PRO B 182 13.34 4.95 14.22
C PRO B 182 13.10 4.41 15.62
N LEU B 183 11.88 4.48 16.15
CA LEU B 183 11.57 3.98 17.48
C LEU B 183 11.06 2.54 17.47
N MET B 184 10.67 2.02 16.31
CA MET B 184 10.18 0.65 16.26
C MET B 184 11.34 -0.33 16.35
N ALA B 185 11.07 -1.47 17.00
CA ALA B 185 12.06 -2.53 17.08
C ALA B 185 12.46 -3.04 15.69
N LEU B 186 11.53 -2.96 14.72
CA LEU B 186 11.75 -3.28 13.32
C LEU B 186 10.60 -2.69 12.49
N PRO B 187 10.84 -2.33 11.23
CA PRO B 187 9.79 -1.69 10.43
C PRO B 187 8.70 -2.68 10.10
N PRO B 188 7.42 -2.27 10.15
CA PRO B 188 6.33 -3.21 9.88
C PRO B 188 6.38 -3.75 8.45
N CYS B 189 6.16 -5.06 8.31
CA CYS B 189 6.00 -5.65 6.99
C CYS B 189 4.63 -5.30 6.41
N HIS B 190 3.63 -5.09 7.26
CA HIS B 190 2.28 -4.87 6.75
C HIS B 190 2.00 -3.39 6.80
N ALA B 191 2.29 -2.71 5.69
CA ALA B 191 2.34 -1.25 5.70
C ALA B 191 0.96 -0.67 5.88
N LEU B 192 -0.05 -1.27 5.25
CA LEU B 192 -1.42 -0.78 5.38
C LEU B 192 -2.38 -1.82 4.83
N CYS B 193 -3.64 -1.72 5.25
CA CYS B 193 -4.68 -2.50 4.58
C CYS B 193 -5.87 -1.61 4.30
N GLN B 194 -6.66 -2.00 3.31
CA GLN B 194 -7.83 -1.25 2.89
C GLN B 194 -9.03 -2.17 2.90
N PHE B 195 -10.18 -1.65 3.31
CA PHE B 195 -11.41 -2.42 3.36
C PHE B 195 -12.36 -1.89 2.31
N TYR B 196 -13.31 -2.72 1.91
CA TYR B 196 -14.18 -2.45 0.78
C TYR B 196 -15.48 -3.21 0.97
N VAL B 197 -16.60 -2.60 0.59
CA VAL B 197 -17.92 -3.20 0.73
C VAL B 197 -18.66 -3.09 -0.60
N VAL B 198 -19.17 -4.22 -1.08
CA VAL B 198 -20.17 -4.24 -2.15
C VAL B 198 -21.02 -5.48 -1.95
N ASN B 199 -22.30 -5.39 -2.35
CA ASN B 199 -23.28 -6.49 -2.16
C ASN B 199 -23.25 -7.05 -0.75
N GLY B 200 -23.16 -6.17 0.25
CA GLY B 200 -23.10 -6.62 1.63
C GLY B 200 -21.93 -7.50 1.99
N GLU B 201 -20.87 -7.50 1.16
CA GLU B 201 -19.68 -8.29 1.41
C GLU B 201 -18.50 -7.38 1.77
N LEU B 202 -17.75 -7.77 2.80
CA LEU B 202 -16.60 -7.00 3.25
C LEU B 202 -15.31 -7.64 2.72
N SER B 203 -14.53 -6.89 1.95
CA SER B 203 -13.24 -7.34 1.47
C SER B 203 -12.11 -6.51 2.11
N CYS B 204 -10.89 -7.03 1.96
CA CYS B 204 -9.71 -6.41 2.56
C CYS B 204 -8.50 -6.64 1.66
N GLN B 205 -7.72 -5.59 1.43
CA GLN B 205 -6.47 -5.69 0.68
C GLN B 205 -5.32 -5.28 1.58
N LEU B 206 -4.34 -6.18 1.72
CA LEU B 206 -3.13 -5.94 2.50
C LEU B 206 -2.02 -5.54 1.55
N TYR B 207 -1.29 -4.45 1.88
CA TYR B 207 -0.03 -4.14 1.21
C TYR B 207 1.12 -4.61 2.10
N GLN B 208 1.73 -5.75 1.73
CA GLN B 208 2.84 -6.31 2.52
C GLN B 208 4.14 -6.04 1.78
N ARG B 209 5.03 -5.23 2.39
CA ARG B 209 6.16 -4.71 1.62
C ARG B 209 7.23 -5.77 1.36
N SER B 210 7.18 -6.90 2.08
CA SER B 210 8.28 -7.86 2.09
C SER B 210 7.73 -9.15 2.67
N GLY B 211 7.87 -10.23 1.92
CA GLY B 211 7.19 -11.45 2.31
C GLY B 211 8.03 -12.69 2.11
N ASP B 212 8.28 -13.41 3.19
CA ASP B 212 8.94 -14.71 3.13
C ASP B 212 7.87 -15.76 2.85
N MET B 213 7.85 -16.29 1.62
CA MET B 213 6.86 -17.29 1.23
C MET B 213 7.00 -18.59 2.01
N GLY B 214 8.16 -18.87 2.58
CA GLY B 214 8.32 -20.14 3.26
C GLY B 214 7.83 -20.16 4.69
N LEU B 215 7.70 -18.99 5.33
CA LEU B 215 7.34 -18.93 6.73
C LEU B 215 6.28 -17.86 7.00
N GLY B 216 6.64 -16.59 6.80
CA GLY B 216 5.75 -15.53 7.22
C GLY B 216 4.43 -15.52 6.45
N VAL B 217 4.51 -15.64 5.12
CA VAL B 217 3.37 -15.32 4.28
C VAL B 217 2.13 -16.15 4.60
N PRO B 218 2.20 -17.49 4.74
CA PRO B 218 0.97 -18.23 5.10
C PRO B 218 0.34 -17.76 6.40
N PHE B 219 1.18 -17.40 7.38
CA PHE B 219 0.73 -16.77 8.61
C PHE B 219 0.02 -15.44 8.31
N ASN B 220 0.69 -14.53 7.57
CA ASN B 220 0.13 -13.21 7.34
C ASN B 220 -1.19 -13.26 6.58
N ILE B 221 -1.36 -14.24 5.69
CA ILE B 221 -2.66 -14.41 5.05
C ILE B 221 -3.73 -14.71 6.09
N ALA B 222 -3.41 -15.56 7.08
CA ALA B 222 -4.38 -15.89 8.13
C ALA B 222 -4.76 -14.65 8.94
N SER B 223 -3.75 -13.91 9.41
CA SER B 223 -3.98 -12.72 10.22
C SER B 223 -5.06 -11.82 9.61
N TYR B 224 -4.89 -11.44 8.35
CA TYR B 224 -5.75 -10.40 7.81
C TYR B 224 -7.06 -10.97 7.32
N ALA B 225 -7.09 -12.26 6.96
CA ALA B 225 -8.38 -12.90 6.74
C ALA B 225 -9.17 -12.97 8.05
N LEU B 226 -8.50 -13.30 9.15
CA LEU B 226 -9.15 -13.26 10.46
C LEU B 226 -9.70 -11.87 10.77
N LEU B 227 -8.84 -10.85 10.67
CA LEU B 227 -9.29 -9.48 10.90
C LEU B 227 -10.52 -9.16 10.06
N THR B 228 -10.56 -9.61 8.81
CA THR B 228 -11.71 -9.35 7.97
C THR B 228 -12.97 -10.04 8.51
N TYR B 229 -12.80 -11.28 8.98
CA TYR B 229 -13.91 -12.01 9.60
C TYR B 229 -14.43 -11.25 10.82
N MET B 230 -13.54 -10.75 11.65
CA MET B 230 -13.93 -10.05 12.87
C MET B 230 -14.71 -8.78 12.55
N ILE B 231 -14.23 -7.98 11.59
CA ILE B 231 -14.88 -6.72 11.30
C ILE B 231 -16.18 -6.95 10.54
N ALA B 232 -16.22 -7.99 9.70
CA ALA B 232 -17.48 -8.33 9.04
C ALA B 232 -18.51 -8.81 10.05
N HIS B 233 -18.08 -9.50 11.11
CA HIS B 233 -19.02 -9.90 12.14
C HIS B 233 -19.59 -8.67 12.84
N ILE B 234 -18.72 -7.76 13.28
CA ILE B 234 -19.11 -6.54 13.98
C ILE B 234 -19.97 -5.62 13.11
N THR B 235 -19.79 -5.68 11.80
CA THR B 235 -20.46 -4.72 10.93
C THR B 235 -21.72 -5.29 10.32
N GLY B 236 -22.06 -6.54 10.63
CA GLY B 236 -23.23 -7.15 10.03
C GLY B 236 -23.06 -7.50 8.57
N LEU B 237 -21.84 -7.76 8.13
CA LEU B 237 -21.55 -8.06 6.73
C LEU B 237 -21.02 -9.49 6.61
N GLN B 238 -21.01 -10.00 5.38
CA GLN B 238 -20.40 -11.28 5.02
C GLN B 238 -18.93 -11.08 4.64
N PRO B 239 -18.03 -11.97 5.03
CA PRO B 239 -16.68 -11.93 4.46
C PRO B 239 -16.70 -12.10 2.94
N GLY B 240 -15.99 -11.21 2.25
CA GLY B 240 -15.88 -11.27 0.79
C GLY B 240 -14.58 -11.88 0.31
N ASP B 241 -13.64 -11.04 -0.15
CA ASP B 241 -12.32 -11.46 -0.63
C ASP B 241 -11.23 -10.90 0.28
N PHE B 242 -10.12 -11.61 0.36
CA PHE B 242 -8.89 -11.02 0.88
C PHE B 242 -7.86 -10.94 -0.24
N VAL B 243 -7.56 -9.72 -0.69
CA VAL B 243 -6.52 -9.49 -1.72
C VAL B 243 -5.19 -9.28 -1.03
N HIS B 244 -4.22 -10.14 -1.35
CA HIS B 244 -2.88 -10.07 -0.78
C HIS B 244 -1.93 -9.47 -1.82
N THR B 245 -1.35 -8.33 -1.52
CA THR B 245 -0.41 -7.69 -2.43
C THR B 245 0.97 -7.66 -1.81
N LEU B 246 1.97 -8.17 -2.54
CA LEU B 246 3.33 -8.23 -2.03
C LEU B 246 4.21 -7.23 -2.76
N GLY B 247 5.15 -6.64 -2.02
CA GLY B 247 6.31 -5.95 -2.58
C GLY B 247 7.43 -6.91 -2.97
N ASP B 248 8.45 -7.05 -2.12
CA ASP B 248 9.51 -8.04 -2.35
C ASP B 248 9.04 -9.40 -1.86
N ALA B 249 8.57 -10.24 -2.79
CA ALA B 249 8.14 -11.60 -2.47
C ALA B 249 9.32 -12.55 -2.70
N HIS B 250 9.74 -13.27 -1.66
CA HIS B 250 11.02 -13.96 -1.77
C HIS B 250 11.00 -15.30 -1.06
N ILE B 251 11.98 -16.12 -1.43
CA ILE B 251 12.27 -17.40 -0.80
C ILE B 251 13.74 -17.42 -0.44
N TYR B 252 14.05 -17.76 0.81
CA TYR B 252 15.44 -17.88 1.22
C TYR B 252 16.05 -19.11 0.56
N LEU B 253 17.28 -18.97 0.08
CA LEU B 253 17.91 -20.03 -0.72
C LEU B 253 17.88 -21.37 -0.01
N ASN B 254 18.15 -21.37 1.29
CA ASN B 254 18.20 -22.62 2.05
C ASN B 254 16.83 -23.24 2.31
N HIS B 255 15.73 -22.63 1.84
CA HIS B 255 14.40 -23.21 1.98
C HIS B 255 13.78 -23.60 0.64
N ILE B 256 14.59 -23.68 -0.41
CA ILE B 256 14.05 -24.05 -1.72
C ILE B 256 13.60 -25.50 -1.72
N GLU B 257 14.42 -26.41 -1.16
CA GLU B 257 14.07 -27.82 -1.21
C GLU B 257 12.81 -28.15 -0.43
N PRO B 258 12.60 -27.65 0.80
CA PRO B 258 11.32 -27.92 1.47
C PRO B 258 10.11 -27.47 0.66
N LEU B 259 10.22 -26.36 -0.06
CA LEU B 259 9.09 -25.84 -0.81
C LEU B 259 8.81 -26.67 -2.05
N LYS B 260 9.86 -27.11 -2.77
CA LYS B 260 9.65 -27.95 -3.95
C LYS B 260 8.92 -29.23 -3.57
N ILE B 261 9.22 -29.78 -2.39
CA ILE B 261 8.45 -30.90 -1.87
C ILE B 261 6.99 -30.49 -1.67
N GLN B 262 6.78 -29.30 -1.09
CA GLN B 262 5.44 -28.84 -0.75
C GLN B 262 4.58 -28.55 -1.98
N LEU B 263 5.21 -28.10 -3.07
CA LEU B 263 4.45 -27.88 -4.30
C LEU B 263 3.85 -29.17 -4.81
N GLN B 264 4.52 -30.29 -4.52
CA GLN B 264 4.05 -31.62 -4.91
C GLN B 264 2.77 -32.02 -4.18
N ARG B 265 2.68 -31.71 -2.89
CA ARG B 265 1.49 -32.05 -2.10
C ARG B 265 0.24 -31.33 -2.59
N GLU B 266 -0.78 -32.09 -2.95
CA GLU B 266 -2.04 -31.52 -3.42
C GLU B 266 -2.78 -30.88 -2.25
N PRO B 267 -3.37 -29.70 -2.48
CA PRO B 267 -4.09 -29.00 -1.41
C PRO B 267 -5.45 -29.64 -1.13
N ARG B 268 -5.76 -29.79 0.17
CA ARG B 268 -7.07 -30.19 0.63
C ARG B 268 -7.92 -28.97 0.94
N PRO B 269 -9.25 -29.09 0.86
CA PRO B 269 -10.10 -27.91 0.96
C PRO B 269 -9.83 -27.09 2.23
N PHE B 270 -9.99 -25.79 2.08
CA PHE B 270 -9.78 -24.86 3.18
C PHE B 270 -10.71 -25.21 4.34
N PRO B 271 -10.25 -25.07 5.58
CA PRO B 271 -11.16 -25.19 6.72
C PRO B 271 -12.26 -24.13 6.67
N LYS B 272 -13.14 -24.10 7.67
CA LYS B 272 -14.05 -22.99 7.87
C LYS B 272 -13.78 -22.38 9.24
N LEU B 273 -14.20 -21.12 9.41
CA LEU B 273 -14.06 -20.41 10.66
C LEU B 273 -15.43 -20.04 11.19
N LYS B 274 -15.69 -20.35 12.46
CA LYS B 274 -16.96 -20.05 13.08
C LYS B 274 -16.73 -19.18 14.31
N ILE B 275 -17.54 -18.14 14.46
CA ILE B 275 -17.53 -17.30 15.65
C ILE B 275 -18.71 -17.71 16.52
N LEU B 276 -18.41 -18.16 17.74
CA LEU B 276 -19.34 -18.90 18.58
C LEU B 276 -20.32 -18.03 19.36
N ARG B 277 -20.40 -16.73 19.08
CA ARG B 277 -21.30 -15.84 19.80
C ARG B 277 -21.29 -14.49 19.12
N LYS B 278 -22.38 -13.75 19.31
CA LYS B 278 -22.52 -12.44 18.67
C LYS B 278 -21.79 -11.40 19.49
N VAL B 279 -20.63 -10.95 18.99
CA VAL B 279 -19.81 -9.93 19.64
C VAL B 279 -20.17 -8.58 19.03
N GLU B 280 -20.13 -7.53 19.85
CA GLU B 280 -20.58 -6.20 19.48
C GLU B 280 -19.45 -5.25 19.13
N THR B 281 -18.37 -5.23 19.91
CA THR B 281 -17.24 -4.37 19.60
C THR B 281 -16.02 -5.23 19.29
N ILE B 282 -15.08 -4.64 18.56
CA ILE B 282 -13.85 -5.33 18.21
C ILE B 282 -13.03 -5.61 19.46
N ASP B 283 -13.20 -4.79 20.50
CA ASP B 283 -12.44 -4.99 21.73
C ASP B 283 -12.98 -6.12 22.60
N ASP B 284 -14.21 -6.58 22.34
CA ASP B 284 -14.83 -7.63 23.13
C ASP B 284 -14.43 -9.03 22.68
N PHE B 285 -13.88 -9.18 21.47
CA PHE B 285 -13.46 -10.49 21.01
C PHE B 285 -12.43 -11.09 21.96
N LYS B 286 -12.55 -12.40 22.20
CA LYS B 286 -11.57 -13.15 22.97
C LYS B 286 -11.34 -14.50 22.31
N VAL B 287 -10.25 -15.15 22.73
CA VAL B 287 -9.76 -16.37 22.07
C VAL B 287 -10.86 -17.39 21.90
N GLU B 288 -11.61 -17.65 22.97
CA GLU B 288 -12.60 -18.73 22.95
C GLU B 288 -13.80 -18.44 22.06
N ASP B 289 -13.86 -17.30 21.37
CA ASP B 289 -14.97 -17.03 20.47
C ASP B 289 -14.75 -17.58 19.06
N PHE B 290 -13.62 -18.26 18.83
CA PHE B 290 -13.21 -18.68 17.51
C PHE B 290 -12.90 -20.17 17.50
N GLN B 291 -13.38 -20.85 16.46
CA GLN B 291 -13.11 -22.28 16.31
C GLN B 291 -12.83 -22.56 14.84
N ILE B 292 -11.66 -23.15 14.58
CA ILE B 292 -11.29 -23.63 13.24
C ILE B 292 -11.74 -25.08 13.14
N GLU B 293 -12.69 -25.37 12.26
CA GLU B 293 -13.17 -26.73 12.05
C GLU B 293 -12.90 -27.17 10.63
N GLY B 294 -12.32 -28.36 10.48
CA GLY B 294 -12.01 -28.92 9.20
C GLY B 294 -10.59 -28.76 8.74
N TYR B 295 -9.66 -28.48 9.65
CA TYR B 295 -8.30 -28.11 9.27
C TYR B 295 -7.45 -29.37 9.24
N ASN B 296 -7.16 -29.85 8.01
CA ASN B 296 -6.35 -31.05 7.76
C ASN B 296 -5.09 -30.69 6.99
N PRO B 297 -4.09 -30.12 7.64
CA PRO B 297 -2.85 -29.80 6.93
C PRO B 297 -1.95 -31.01 6.76
N HIS B 298 -1.15 -30.96 5.69
CA HIS B 298 -0.06 -31.93 5.51
C HIS B 298 0.98 -31.74 6.61
N PRO B 299 1.69 -32.80 7.00
CA PRO B 299 2.74 -32.67 8.02
C PRO B 299 4.02 -32.11 7.41
N THR B 300 4.91 -31.67 8.29
CA THR B 300 6.19 -31.11 7.86
C THR B 300 7.33 -31.61 8.75
N1 UMP C . -8.74 9.82 -8.89
C2 UMP C . -7.80 9.04 -9.58
N3 UMP C . -6.44 9.36 -9.55
C4 UMP C . -6.05 10.49 -8.81
C5 UMP C . -7.00 11.31 -8.12
C6 UMP C . -8.37 10.97 -8.16
O2 UMP C . -8.16 8.03 -10.25
O4 UMP C . -4.82 10.72 -8.83
C1' UMP C . -10.15 9.43 -8.97
C2' UMP C . -10.52 8.17 -8.17
C3' UMP C . -11.96 8.48 -7.79
C4' UMP C . -11.94 9.98 -7.53
O3' UMP C . -12.82 8.27 -8.91
O4' UMP C . -10.97 10.45 -8.46
C5' UMP C . -11.45 10.28 -6.08
O5' UMP C . -12.46 10.15 -5.10
P UMP C . -12.33 9.15 -3.83
OP1 UMP C . -11.63 9.80 -2.61
OP2 UMP C . -13.69 8.71 -3.24
OP3 UMP C . -11.57 7.88 -4.10
O12 08D D . -6.43 11.75 -11.92
S10 08D D . -6.14 13.14 -11.70
O11 08D D . -4.82 13.57 -11.26
C4 08D D . -6.49 14.05 -13.19
C3 08D D . -5.60 14.01 -14.23
C2 08D D . -5.88 14.75 -15.36
C5 08D D . -7.64 14.80 -13.21
C6 08D D . -7.90 15.53 -14.35
C1 08D D . -7.03 15.51 -15.43
N7 08D D . -7.32 16.24 -16.58
N13 08D D . -7.37 13.83 -10.74
C15 08D D . -7.04 14.75 -9.74
N19 08D D . -5.87 14.73 -9.09
O18 08D D . -5.94 15.76 -8.17
C17 08D D . -7.14 16.37 -8.29
C16 08D D . -7.89 15.78 -9.28
C20 08D D . -7.34 17.50 -7.38
N1 UMP E . 8.34 -11.39 7.35
C2 UMP E . 7.14 -11.92 6.87
N3 UMP E . 5.90 -11.64 7.49
C4 UMP E . 5.91 -10.80 8.63
C5 UMP E . 7.15 -10.28 9.14
C6 UMP E . 8.36 -10.59 8.51
O2 UMP E . 7.13 -12.64 5.82
O4 UMP E . 4.78 -10.58 9.14
C1' UMP E . 9.62 -11.73 6.70
C2' UMP E . 9.93 -11.09 5.35
C3' UMP E . 11.45 -10.87 5.45
C4' UMP E . 11.75 -10.70 6.96
O3' UMP E . 12.15 -12.02 5.02
O4' UMP E . 10.69 -11.39 7.59
C5' UMP E . 11.68 -9.19 7.37
O5' UMP E . 12.84 -8.53 6.91
P UMP E . 12.83 -7.09 6.18
OP1 UMP E . 12.52 -5.89 7.05
OP2 UMP E . 11.88 -7.05 4.95
OP3 UMP E . 14.20 -6.76 5.55
O12 08D F . 7.30 -14.50 9.65
S10 08D F . 6.66 -14.24 10.93
O11 08D F . 5.40 -13.53 11.05
C4 08D F . 6.45 -15.78 11.74
C3 08D F . 5.24 -16.40 11.71
C2 08D F . 5.15 -17.60 12.38
C5 08D F . 7.55 -16.30 12.37
C6 08D F . 7.44 -17.50 13.03
C1 08D F . 6.23 -18.16 13.03
N7 08D F . 6.10 -19.38 13.70
N13 08D F . 7.85 -13.60 12.01
C15 08D F . 7.71 -12.36 12.66
N19 08D F . 6.57 -11.67 12.76
O18 08D F . 6.89 -10.52 13.48
C17 08D F . 8.21 -10.55 13.80
C16 08D F . 8.78 -11.71 13.30
C20 08D F . 8.73 -9.41 14.56
#